data_5ZG6
#
_entry.id   5ZG6
#
_cell.length_a   43.292
_cell.length_b   46.459
_cell.length_c   65.981
_cell.angle_alpha   77.43
_cell.angle_beta   75.53
_cell.angle_gamma   69.34
#
_symmetry.space_group_name_H-M   'P 1'
#
loop_
_entity.id
_entity.type
_entity.pdbx_description
1 polymer Beta-lactamase
2 non-polymer '5-METHYL-2-[2-OXO-1-(2-THIOPHEN-2-YL-ACETYLAMINO)-ETHYL]-3,6-DIHYDRO-2H-[1,3]THIAZINE-4-CARBOXYLIC ACID'
3 water water
#
_entity_poly.entity_id   1
_entity_poly.type   'polypeptide(L)'
_entity_poly.pdbx_seq_one_letter_code
;GPMKTEMKDDFAKLEEQFDAKLGIFALDTGTNRTVAYRPDERFAFASTIKALTVGVLLQQKSIEDLNQRITYTRDDLVNY
NPITEKHVDTGMTLKELADASLRYSDNAAQNLILKQIGGPESLKKELRKIGDEVTNPERFYPELNEVNPGETQDTSTARA
LVTSLRAFALEDKLPSEKRELLIDWMKRNTTGDALIRAGVPDGWEVADKTGAASYGTRNDIAIIWPPKGDPVVLAVLSSR
DKKDAKYDDKLIAEATKVVMKALNMNGK
;
_entity_poly.pdbx_strand_id   B,A
#
loop_
_chem_comp.id
_chem_comp.type
_chem_comp.name
_chem_comp.formula
CED non-polymer '5-METHYL-2-[2-OXO-1-(2-THIOPHEN-2-YL-ACETYLAMINO)-ETHYL]-3,6-DIHYDRO-2H-[1,3]THIAZINE-4-CARBOXYLIC ACID' 'C14 H16 N2 O4 S2'
#
# COMPACT_ATOMS: atom_id res chain seq x y z
N ASP A 9 26.68 -21.54 -7.48
CA ASP A 9 27.61 -20.67 -8.29
C ASP A 9 26.84 -19.54 -8.98
N ASP A 10 25.50 -19.58 -9.03
CA ASP A 10 24.68 -18.43 -9.50
C ASP A 10 24.84 -17.24 -8.54
N PHE A 11 24.97 -17.44 -7.22
CA PHE A 11 25.16 -16.31 -6.27
C PHE A 11 26.59 -15.75 -6.42
N ALA A 12 27.61 -16.60 -6.61
CA ALA A 12 29.02 -16.17 -6.78
C ALA A 12 29.14 -15.32 -8.05
N LYS A 13 28.45 -15.74 -9.10
CA LYS A 13 28.34 -14.99 -10.39
C LYS A 13 27.82 -13.56 -10.10
N LEU A 14 26.82 -13.41 -9.24
CA LEU A 14 26.25 -12.07 -8.95
C LEU A 14 27.30 -11.23 -8.20
N GLU A 15 27.98 -11.85 -7.22
CA GLU A 15 29.08 -11.18 -6.51
C GLU A 15 30.15 -10.75 -7.54
N GLU A 16 30.43 -11.62 -8.52
CA GLU A 16 31.41 -11.34 -9.62
C GLU A 16 30.83 -10.21 -10.49
N GLN A 17 29.57 -10.29 -10.90
CA GLN A 17 29.00 -9.29 -11.83
C GLN A 17 28.88 -7.90 -11.19
N PHE A 18 28.63 -7.80 -9.88
CA PHE A 18 28.29 -6.50 -9.22
C PHE A 18 29.40 -6.05 -8.27
N ASP A 19 30.48 -6.83 -8.15
CA ASP A 19 31.65 -6.51 -7.30
C ASP A 19 31.16 -6.25 -5.87
N ALA A 20 30.43 -7.20 -5.32
CA ALA A 20 29.78 -7.05 -4.00
C ALA A 20 29.72 -8.41 -3.31
N LYS A 21 29.58 -8.35 -1.99
CA LYS A 21 29.39 -9.49 -1.08
C LYS A 21 27.91 -9.57 -0.78
N LEU A 22 27.41 -10.79 -0.79
CA LEU A 22 25.97 -11.02 -0.89
C LEU A 22 25.60 -12.01 0.23
N GLY A 23 24.56 -11.70 1.01
CA GLY A 23 24.10 -12.48 2.18
C GLY A 23 22.67 -12.93 1.93
N ILE A 24 22.46 -14.23 1.69
CA ILE A 24 21.13 -14.81 1.32
C ILE A 24 20.70 -15.86 2.35
N PHE A 25 19.49 -15.71 2.85
CA PHE A 25 18.75 -16.83 3.49
C PHE A 25 17.28 -16.75 3.08
N ALA A 26 16.73 -17.87 2.64
CA ALA A 26 15.31 -18.03 2.26
C ALA A 26 14.77 -19.29 2.93
N LEU A 27 13.60 -19.18 3.58
CA LEU A 27 12.88 -20.34 4.14
C LEU A 27 11.49 -20.44 3.50
N ASP A 28 11.21 -21.57 2.89
CA ASP A 28 9.85 -21.91 2.44
C ASP A 28 9.15 -22.47 3.67
N THR A 29 8.18 -21.73 4.23
CA THR A 29 7.49 -22.14 5.49
C THR A 29 6.61 -23.36 5.22
N GLY A 30 6.41 -23.70 3.94
CA GLY A 30 5.52 -24.80 3.49
C GLY A 30 6.26 -26.13 3.38
N THR A 31 7.56 -26.13 3.10
CA THR A 31 8.39 -27.36 2.97
C THR A 31 9.52 -27.40 4.00
N ASN A 32 9.77 -26.29 4.69
CA ASN A 32 10.98 -26.03 5.53
C ASN A 32 12.25 -26.15 4.66
N ARG A 33 12.11 -26.26 3.34
CA ARG A 33 13.27 -26.24 2.42
C ARG A 33 13.87 -24.83 2.46
N THR A 34 15.18 -24.76 2.26
CA THR A 34 16.03 -23.61 2.64
C THR A 34 16.88 -23.25 1.42
N VAL A 35 17.10 -21.96 1.20
CA VAL A 35 18.19 -21.51 0.29
C VAL A 35 19.14 -20.66 1.14
N ALA A 36 20.69 -21.03 0.95
CA ALA A 36 21.51 -20.16 1.82
C ALA A 36 22.79 -19.83 1.06
N TYR A 37 23.31 -18.62 1.28
CA TYR A 37 24.62 -18.17 0.76
C TYR A 37 25.18 -17.09 1.67
N ARG A 38 26.32 -17.38 2.30
CA ARG A 38 26.87 -16.57 3.41
C ARG A 38 25.72 -16.22 4.34
N PRO A 39 24.88 -17.18 4.77
CA PRO A 39 23.71 -16.85 5.56
C PRO A 39 24.06 -16.28 6.94
N ASP A 40 25.26 -16.55 7.46
CA ASP A 40 25.69 -16.15 8.83
C ASP A 40 26.73 -15.04 8.77
N GLU A 41 26.94 -14.47 7.59
CA GLU A 41 27.88 -13.34 7.39
C GLU A 41 27.19 -12.07 7.91
N ARG A 42 27.88 -11.31 8.76
CA ARG A 42 27.31 -10.07 9.33
C ARG A 42 27.29 -8.95 8.28
N PHE A 43 26.20 -8.19 8.26
CA PHE A 43 26.05 -6.93 7.49
C PHE A 43 25.35 -5.90 8.37
N ALA A 44 25.66 -4.63 8.16
CA ALA A 44 24.87 -3.51 8.69
C ALA A 44 23.42 -3.73 8.29
N PHE A 45 22.50 -3.74 9.26
CA PHE A 45 21.09 -4.09 8.96
C PHE A 45 20.40 -2.89 8.30
N ALA A 46 20.94 -1.68 8.50
CA ALA A 46 20.39 -0.44 7.87
C ALA A 46 18.91 -0.29 8.26
N SER A 47 18.05 0.16 7.34
CA SER A 47 16.63 0.44 7.67
C SER A 47 15.80 -0.86 7.77
N THR A 48 16.38 -2.04 7.51
CA THR A 48 15.67 -3.34 7.68
C THR A 48 15.24 -3.49 9.14
N ILE A 49 16.00 -2.91 10.08
CA ILE A 49 15.73 -2.99 11.55
C ILE A 49 14.34 -2.41 11.87
N LYS A 50 13.82 -1.52 11.01
CA LYS A 50 12.54 -0.81 11.26
C LYS A 50 11.39 -1.81 11.33
N ALA A 51 11.44 -2.87 10.53
CA ALA A 51 10.40 -3.93 10.56
C ALA A 51 10.38 -4.59 11.93
N LEU A 52 11.54 -4.97 12.46
CA LEU A 52 11.62 -5.65 13.78
C LEU A 52 11.23 -4.64 14.88
N THR A 53 11.58 -3.37 14.69
CA THR A 53 11.29 -2.29 15.66
C THR A 53 9.77 -2.13 15.79
N VAL A 54 9.02 -2.08 14.67
CA VAL A 54 7.53 -2.04 14.73
C VAL A 54 7.01 -3.33 15.38
N GLY A 55 7.67 -4.46 15.10
CA GLY A 55 7.39 -5.74 15.77
C GLY A 55 7.34 -5.58 17.28
N VAL A 56 8.36 -4.99 17.85
CA VAL A 56 8.48 -4.82 19.33
C VAL A 56 7.43 -3.79 19.80
N LEU A 57 7.25 -2.70 19.05
CA LEU A 57 6.24 -1.69 19.41
C LEU A 57 4.87 -2.36 19.53
N LEU A 58 4.55 -3.25 18.60
CA LEU A 58 3.22 -3.90 18.53
C LEU A 58 3.08 -4.85 19.70
N GLN A 59 4.16 -5.50 20.10
CA GLN A 59 4.16 -6.38 21.29
C GLN A 59 3.84 -5.53 22.52
N GLN A 60 4.47 -4.35 22.65
CA GLN A 60 4.51 -3.52 23.88
C GLN A 60 3.18 -2.81 24.08
N LYS A 61 2.23 -2.74 22.84
CA LYS A 61 1.09 -1.82 22.94
C LYS A 61 -0.17 -2.47 22.39
N SER A 62 -1.32 -2.04 22.87
CA SER A 62 -2.61 -2.36 22.22
C SER A 62 -2.70 -1.60 20.90
N ILE A 63 -3.49 -2.10 19.96
CA ILE A 63 -3.76 -1.34 18.71
C ILE A 63 -4.26 0.08 19.08
N GLU A 64 -5.27 0.21 19.93
CA GLU A 64 -5.81 1.53 20.39
C GLU A 64 -4.68 2.39 21.01
N ASP A 65 -3.69 1.77 21.67
CA ASP A 65 -2.54 2.52 22.25
C ASP A 65 -1.65 3.13 21.14
N LEU A 66 -1.77 2.69 19.89
CA LEU A 66 -0.95 3.28 18.81
C LEU A 66 -1.47 4.67 18.44
N ASN A 67 -2.67 5.03 18.91
CA ASN A 67 -3.30 6.35 18.65
C ASN A 67 -2.64 7.42 19.54
N GLN A 68 -1.70 7.07 20.42
CA GLN A 68 -1.01 8.07 21.28
C GLN A 68 -0.29 9.02 20.32
N ARG A 69 -0.46 10.32 20.50
CA ARG A 69 0.18 11.35 19.65
C ARG A 69 1.56 11.72 20.22
N ILE A 70 2.58 11.66 19.38
CA ILE A 70 3.97 12.01 19.79
C ILE A 70 4.23 13.43 19.28
N THR A 71 4.63 14.30 20.20
CA THR A 71 5.13 15.65 19.88
C THR A 71 6.64 15.54 19.63
N TYR A 72 7.12 16.21 18.58
CA TYR A 72 8.56 16.30 18.21
C TYR A 72 8.83 17.68 17.60
N THR A 73 10.13 17.97 17.48
CA THR A 73 10.63 19.27 16.99
C THR A 73 11.59 19.01 15.84
N ARG A 74 12.10 20.07 15.25
CA ARG A 74 13.13 19.96 14.18
C ARG A 74 14.31 19.12 14.70
N ASP A 75 14.60 19.18 16.01
CA ASP A 75 15.80 18.52 16.59
C ASP A 75 15.65 16.99 16.46
N ASP A 76 14.43 16.46 16.37
CA ASP A 76 14.17 15.01 16.19
C ASP A 76 14.32 14.63 14.70
N LEU A 77 14.27 15.61 13.79
CA LEU A 77 14.48 15.39 12.33
C LEU A 77 15.97 15.17 12.08
N VAL A 78 16.30 14.20 11.23
CA VAL A 78 17.71 13.82 10.94
C VAL A 78 17.91 13.92 9.42
N ASN A 79 18.56 12.96 8.75
CA ASN A 79 19.01 13.20 7.36
C ASN A 79 17.88 12.90 6.35
N TYR A 80 16.86 12.11 6.68
CA TYR A 80 15.81 11.69 5.72
C TYR A 80 14.48 11.50 6.47
N ASN A 81 13.55 12.41 6.24
CA ASN A 81 12.33 12.63 7.07
C ASN A 81 11.14 12.90 6.15
N PRO A 82 10.86 12.05 5.14
CA PRO A 82 9.86 12.40 4.13
C PRO A 82 8.44 12.60 4.67
N ILE A 83 8.03 11.93 5.76
CA ILE A 83 6.69 12.14 6.37
C ILE A 83 6.81 13.06 7.58
N THR A 84 7.79 12.83 8.46
CA THR A 84 7.93 13.53 9.75
C THR A 84 8.19 15.03 9.51
N GLU A 85 8.94 15.39 8.48
CA GLU A 85 9.30 16.82 8.22
C GLU A 85 8.05 17.62 7.92
N LYS A 86 6.95 16.93 7.62
CA LYS A 86 5.65 17.55 7.26
C LYS A 86 4.80 17.89 8.49
N HIS A 87 4.99 17.23 9.63
CA HIS A 87 3.97 17.22 10.72
C HIS A 87 4.55 17.66 12.06
N VAL A 88 5.56 18.53 12.03
CA VAL A 88 6.21 19.04 13.27
C VAL A 88 5.16 19.76 14.15
N ASP A 89 4.29 20.56 13.56
CA ASP A 89 3.29 21.39 14.28
C ASP A 89 2.13 20.54 14.83
N THR A 90 1.75 19.45 14.14
CA THR A 90 0.59 18.60 14.51
C THR A 90 1.02 17.40 15.38
N GLY A 91 2.30 17.03 15.32
CA GLY A 91 2.81 15.74 15.82
C GLY A 91 2.24 14.60 15.00
N MET A 92 2.56 13.35 15.36
CA MET A 92 2.04 12.15 14.65
C MET A 92 1.79 11.05 15.69
N THR A 93 0.73 10.27 15.50
CA THR A 93 0.44 9.09 16.34
C THR A 93 1.50 8.02 16.09
N LEU A 94 1.64 7.10 17.03
CA LEU A 94 2.62 5.98 16.93
C LEU A 94 2.26 5.17 15.68
N LYS A 95 0.97 5.05 15.38
CA LYS A 95 0.50 4.28 14.19
C LYS A 95 0.99 4.96 12.91
N GLU A 96 0.86 6.28 12.85
CA GLU A 96 1.32 7.13 11.71
C GLU A 96 2.84 7.03 11.61
N LEU A 97 3.55 6.96 12.74
CA LEU A 97 5.03 6.89 12.70
C LEU A 97 5.42 5.52 12.17
N ALA A 98 4.75 4.46 12.64
CA ALA A 98 4.93 3.08 12.17
C ALA A 98 4.77 3.07 10.64
N ASP A 99 3.69 3.68 10.14
CA ASP A 99 3.42 3.77 8.69
C ASP A 99 4.60 4.47 8.00
N ALA A 100 5.03 5.62 8.51
CA ALA A 100 6.10 6.42 7.89
C ALA A 100 7.42 5.62 7.85
N SER A 101 7.79 4.99 8.96
CA SER A 101 9.01 4.16 9.09
C SER A 101 8.99 3.04 8.03
N LEU A 102 7.92 2.24 8.02
CA LEU A 102 7.81 1.00 7.22
C LEU A 102 7.62 1.29 5.73
N ARG A 103 6.77 2.25 5.37
CA ARG A 103 6.30 2.42 3.97
C ARG A 103 7.20 3.42 3.24
N TYR A 104 7.88 4.35 3.96
CA TYR A 104 8.76 5.39 3.35
C TYR A 104 10.19 5.35 3.87
N SER A 105 10.52 4.48 4.82
CA SER A 105 11.84 4.42 5.50
C SER A 105 12.18 5.82 6.05
N ASP A 106 11.20 6.48 6.65
CA ASP A 106 11.37 7.73 7.42
C ASP A 106 12.32 7.46 8.61
N ASN A 107 13.52 8.04 8.57
CA ASN A 107 14.54 7.80 9.64
C ASN A 107 14.07 8.41 10.96
N ALA A 108 13.52 9.63 10.96
CA ALA A 108 13.04 10.29 12.20
C ALA A 108 11.92 9.44 12.82
N ALA A 109 11.02 8.90 11.99
CA ALA A 109 9.91 8.08 12.49
C ALA A 109 10.52 6.91 13.28
N GLN A 110 11.52 6.24 12.73
CA GLN A 110 12.21 5.11 13.40
C GLN A 110 12.81 5.61 14.72
N ASN A 111 13.53 6.73 14.71
CA ASN A 111 14.17 7.26 15.96
C ASN A 111 13.11 7.45 17.06
N LEU A 112 12.00 8.15 16.76
CA LEU A 112 10.87 8.43 17.69
C LEU A 112 10.29 7.10 18.22
N ILE A 113 10.04 6.13 17.35
CA ILE A 113 9.48 4.82 17.78
C ILE A 113 10.51 4.16 18.70
N LEU A 114 11.78 4.14 18.29
CA LEU A 114 12.88 3.54 19.09
C LEU A 114 12.88 4.18 20.48
N LYS A 115 12.74 5.51 20.56
CA LYS A 115 12.73 6.23 21.85
C LYS A 115 11.43 5.91 22.60
N GLN A 116 10.42 5.41 21.89
CA GLN A 116 9.11 5.05 22.49
C GLN A 116 9.23 3.73 23.23
N ILE A 117 10.08 2.82 22.76
CA ILE A 117 10.25 1.45 23.36
C ILE A 117 11.37 1.50 24.40
N GLY A 118 12.14 2.60 24.44
CA GLY A 118 13.19 2.83 25.44
C GLY A 118 14.57 2.63 24.85
N GLY A 119 14.71 2.81 23.53
CA GLY A 119 16.01 2.94 22.88
C GLY A 119 16.57 1.64 22.32
N PRO A 120 17.74 1.72 21.65
CA PRO A 120 18.39 0.56 21.05
C PRO A 120 18.63 -0.56 22.06
N GLU A 121 19.13 -0.20 23.25
CA GLU A 121 19.37 -1.16 24.37
C GLU A 121 18.06 -1.91 24.67
N SER A 122 16.95 -1.19 24.82
CA SER A 122 15.62 -1.79 25.09
C SER A 122 15.19 -2.64 23.89
N LEU A 123 15.47 -2.19 22.66
CA LEU A 123 15.11 -2.99 21.45
C LEU A 123 15.89 -4.31 21.45
N LYS A 124 17.21 -4.25 21.67
CA LYS A 124 18.09 -5.47 21.75
C LYS A 124 17.48 -6.46 22.74
N LYS A 125 17.14 -5.99 23.93
CA LYS A 125 16.58 -6.82 25.03
C LYS A 125 15.34 -7.56 24.51
N GLU A 126 14.43 -6.88 23.81
CA GLU A 126 13.17 -7.53 23.35
C GLU A 126 13.49 -8.51 22.21
N LEU A 127 14.51 -8.20 21.41
CA LEU A 127 14.93 -9.12 20.32
C LEU A 127 15.51 -10.41 20.94
N ARG A 128 16.31 -10.29 22.00
CA ARG A 128 16.82 -11.49 22.74
C ARG A 128 15.62 -12.31 23.22
N LYS A 129 14.62 -11.64 23.82
CA LYS A 129 13.40 -12.34 24.31
C LYS A 129 12.72 -13.14 23.18
N ILE A 130 12.71 -12.70 21.93
CA ILE A 130 12.00 -13.49 20.86
C ILE A 130 12.89 -14.58 20.29
N GLY A 131 14.16 -14.64 20.70
CA GLY A 131 15.08 -15.73 20.32
C GLY A 131 16.20 -15.26 19.41
N ASP A 132 16.39 -13.96 19.25
CA ASP A 132 17.42 -13.39 18.33
C ASP A 132 18.62 -12.95 19.17
N GLU A 133 19.69 -13.76 19.16
CA GLU A 133 20.97 -13.46 19.86
C GLU A 133 21.95 -12.82 18.86
N VAL A 134 21.54 -12.58 17.61
CA VAL A 134 22.44 -12.09 16.53
C VAL A 134 22.32 -10.58 16.35
N THR A 135 21.11 -10.07 16.05
CA THR A 135 20.85 -8.63 15.78
C THR A 135 21.32 -7.78 16.98
N ASN A 136 22.15 -6.75 16.70
CA ASN A 136 22.81 -5.87 17.70
C ASN A 136 22.42 -4.41 17.49
N PRO A 137 21.19 -3.98 17.84
CA PRO A 137 20.86 -2.57 17.77
C PRO A 137 21.63 -1.82 18.86
N GLU A 138 22.22 -0.65 18.53
CA GLU A 138 23.05 0.12 19.50
C GLU A 138 22.85 1.64 19.34
N ARG A 139 22.65 2.16 18.12
CA ARG A 139 22.69 3.63 17.92
C ARG A 139 21.41 4.11 17.23
N PHE A 140 21.20 5.42 17.25
CA PHE A 140 20.08 6.11 16.54
C PHE A 140 20.57 6.52 15.15
N TYR A 141 19.65 6.91 14.26
CA TYR A 141 19.97 7.71 13.05
C TYR A 141 20.47 9.08 13.52
N PRO A 142 21.55 9.64 12.92
CA PRO A 142 22.23 9.01 11.78
C PRO A 142 23.38 8.01 12.02
N GLU A 143 23.83 7.86 13.26
CA GLU A 143 25.08 7.13 13.62
C GLU A 143 25.03 5.64 13.31
N LEU A 144 23.88 4.98 13.25
CA LEU A 144 23.89 3.54 12.99
C LEU A 144 24.25 3.26 11.51
N ASN A 145 24.43 4.28 10.67
CA ASN A 145 24.77 4.08 9.23
C ASN A 145 26.24 3.68 9.10
N GLU A 146 27.11 4.30 9.90
CA GLU A 146 28.59 4.10 9.86
C GLU A 146 28.95 2.78 10.53
N VAL A 147 28.97 1.68 9.77
CA VAL A 147 29.51 0.35 10.21
C VAL A 147 30.71 0.03 9.32
N ASN A 148 31.91 0.01 9.92
CA ASN A 148 33.18 -0.42 9.26
C ASN A 148 33.23 -1.94 9.30
N PRO A 149 33.71 -2.61 8.23
CA PRO A 149 33.96 -4.05 8.28
C PRO A 149 34.58 -4.54 9.61
N GLY A 150 34.05 -5.66 10.12
CA GLY A 150 34.55 -6.34 11.33
C GLY A 150 33.82 -5.90 12.59
N GLU A 151 33.24 -4.70 12.62
CA GLU A 151 32.48 -4.18 13.78
C GLU A 151 31.08 -4.80 13.76
N THR A 152 30.50 -5.09 14.94
CA THR A 152 29.22 -5.81 15.07
C THR A 152 28.07 -4.89 15.54
N GLN A 153 28.33 -3.63 15.90
CA GLN A 153 27.21 -2.70 16.26
C GLN A 153 26.33 -2.49 15.02
N ASP A 154 25.01 -2.65 15.21
CA ASP A 154 23.93 -2.33 14.24
C ASP A 154 24.05 -3.27 13.05
N THR A 155 24.41 -4.54 13.30
CA THR A 155 24.59 -5.59 12.30
C THR A 155 23.66 -6.74 12.61
N SER A 156 23.26 -7.47 11.58
CA SER A 156 22.63 -8.80 11.74
C SER A 156 23.10 -9.72 10.61
N THR A 157 22.45 -10.87 10.45
CA THR A 157 22.77 -11.87 9.41
C THR A 157 21.48 -12.18 8.65
N ALA A 158 21.57 -12.65 7.40
CA ALA A 158 20.37 -13.04 6.62
C ALA A 158 19.53 -14.00 7.45
N ARG A 159 20.15 -15.01 8.09
CA ARG A 159 19.40 -16.07 8.82
C ARG A 159 18.63 -15.44 9.98
N ALA A 160 19.29 -14.59 10.78
CA ALA A 160 18.71 -13.96 11.98
C ALA A 160 17.55 -13.02 11.57
N LEU A 161 17.72 -12.21 10.50
CA LEU A 161 16.65 -11.26 10.09
C LEU A 161 15.42 -12.05 9.62
N VAL A 162 15.62 -13.14 8.84
CA VAL A 162 14.51 -14.01 8.35
C VAL A 162 13.79 -14.62 9.56
N THR A 163 14.56 -15.24 10.46
CA THR A 163 14.02 -15.96 11.65
C THR A 163 13.15 -15.00 12.46
N SER A 164 13.65 -13.78 12.69
CA SER A 164 13.00 -12.73 13.49
C SER A 164 11.79 -12.16 12.74
N LEU A 165 11.92 -11.88 11.44
CA LEU A 165 10.78 -11.36 10.63
C LEU A 165 9.66 -12.40 10.66
N ARG A 166 9.99 -13.69 10.49
CA ARG A 166 9.01 -14.80 10.53
C ARG A 166 8.31 -14.81 11.90
N ALA A 167 9.08 -14.65 12.98
CA ALA A 167 8.59 -14.79 14.37
C ALA A 167 7.46 -13.78 14.61
N PHE A 168 7.68 -12.54 14.15
CA PHE A 168 6.73 -11.40 14.33
C PHE A 168 5.57 -11.52 13.35
N ALA A 169 5.87 -11.68 12.07
CA ALA A 169 4.87 -11.57 10.99
C ALA A 169 4.02 -12.84 10.94
N LEU A 170 4.61 -14.01 11.17
CA LEU A 170 4.03 -15.32 10.71
C LEU A 170 3.79 -16.28 11.88
N GLU A 171 4.47 -16.13 13.01
CA GLU A 171 4.36 -17.07 14.17
C GLU A 171 3.59 -16.38 15.32
N ASP A 172 4.10 -16.42 16.56
CA ASP A 172 3.30 -16.17 17.80
C ASP A 172 3.97 -15.14 18.70
N LYS A 173 4.81 -14.26 18.14
CA LYS A 173 5.36 -13.10 18.88
C LYS A 173 4.29 -11.99 18.91
N LEU A 174 3.26 -12.11 18.08
CA LEU A 174 2.18 -11.12 17.99
C LEU A 174 0.86 -11.85 17.79
N PRO A 175 -0.26 -11.29 18.32
CA PRO A 175 -1.61 -11.74 17.99
C PRO A 175 -1.95 -11.35 16.55
N SER A 176 -2.88 -12.09 15.93
CA SER A 176 -3.23 -11.98 14.49
C SER A 176 -3.54 -10.53 14.11
N GLU A 177 -4.27 -9.77 14.94
CA GLU A 177 -4.69 -8.40 14.54
C GLU A 177 -3.45 -7.51 14.38
N LYS A 178 -2.45 -7.71 15.24
CA LYS A 178 -1.15 -6.98 15.15
C LYS A 178 -0.31 -7.54 13.99
N ARG A 179 -0.25 -8.85 13.77
CA ARG A 179 0.46 -9.41 12.59
C ARG A 179 -0.09 -8.78 11.30
N GLU A 180 -1.43 -8.66 11.19
CA GLU A 180 -2.11 -8.03 10.02
C GLU A 180 -1.61 -6.59 9.78
N LEU A 181 -1.52 -5.74 10.80
CA LEU A 181 -0.99 -4.35 10.70
C LEU A 181 0.44 -4.37 10.15
N LEU A 182 1.32 -5.19 10.72
CA LEU A 182 2.74 -5.24 10.28
C LEU A 182 2.79 -5.67 8.81
N ILE A 183 2.06 -6.73 8.48
CA ILE A 183 2.11 -7.36 7.13
C ILE A 183 1.48 -6.39 6.12
N ASP A 184 0.41 -5.70 6.53
CA ASP A 184 -0.24 -4.73 5.63
C ASP A 184 0.73 -3.58 5.32
N TRP A 185 1.34 -2.98 6.35
CA TRP A 185 2.35 -1.91 6.15
C TRP A 185 3.45 -2.41 5.20
N MET A 186 4.01 -3.59 5.46
CA MET A 186 5.16 -4.05 4.65
C MET A 186 4.67 -4.37 3.21
N LYS A 187 3.43 -4.84 3.04
CA LYS A 187 2.86 -5.13 1.69
C LYS A 187 2.79 -3.84 0.86
N ARG A 188 2.54 -2.69 1.50
CA ARG A 188 2.29 -1.41 0.82
C ARG A 188 3.51 -0.51 0.93
N ASN A 189 4.68 -1.10 1.24
CA ASN A 189 5.99 -0.40 1.18
C ASN A 189 6.11 0.31 -0.16
N THR A 190 6.67 1.52 -0.18
CA THR A 190 6.82 2.30 -1.44
C THR A 190 8.28 2.28 -1.93
N THR A 191 9.23 1.74 -1.15
CA THR A 191 10.69 1.89 -1.38
C THR A 191 11.34 0.67 -2.05
N GLY A 192 10.60 -0.41 -2.28
CA GLY A 192 11.17 -1.73 -2.63
C GLY A 192 10.89 -2.21 -4.05
N ASP A 193 10.37 -1.39 -4.96
CA ASP A 193 9.89 -1.92 -6.26
C ASP A 193 11.06 -2.46 -7.11
N ALA A 194 12.29 -2.01 -6.85
CA ALA A 194 13.47 -2.36 -7.68
C ALA A 194 14.22 -3.54 -7.06
N LEU A 195 13.76 -4.07 -5.92
CA LEU A 195 14.59 -5.07 -5.18
C LEU A 195 13.88 -6.44 -5.16
N ILE A 196 13.47 -6.98 -4.00
CA ILE A 196 12.85 -8.35 -3.97
C ILE A 196 11.63 -8.40 -4.89
N ARG A 197 10.81 -7.36 -4.89
CA ARG A 197 9.58 -7.29 -5.74
C ARG A 197 9.93 -7.51 -7.22
N ALA A 198 11.10 -7.03 -7.66
CA ALA A 198 11.51 -7.06 -9.08
C ALA A 198 12.05 -8.45 -9.47
N GLY A 199 12.24 -9.36 -8.51
CA GLY A 199 12.62 -10.75 -8.79
C GLY A 199 11.48 -11.72 -8.56
N VAL A 200 10.27 -11.24 -8.34
CA VAL A 200 9.10 -12.10 -8.06
C VAL A 200 8.03 -11.83 -9.11
N PRO A 201 7.43 -12.88 -9.74
CA PRO A 201 6.44 -12.68 -10.79
C PRO A 201 5.25 -11.81 -10.33
N ASP A 202 4.72 -10.96 -11.23
CA ASP A 202 3.57 -10.08 -10.92
C ASP A 202 2.44 -10.91 -10.31
N GLY A 203 1.58 -10.27 -9.51
CA GLY A 203 0.43 -10.92 -8.86
C GLY A 203 0.77 -11.54 -7.51
N TRP A 204 2.00 -12.05 -7.30
CA TRP A 204 2.43 -12.64 -6.01
C TRP A 204 2.54 -11.51 -4.98
N GLU A 205 1.92 -11.64 -3.81
CA GLU A 205 2.00 -10.60 -2.76
C GLU A 205 3.38 -10.63 -2.09
N VAL A 206 3.97 -9.46 -1.94
CA VAL A 206 5.29 -9.28 -1.29
C VAL A 206 5.14 -8.26 -0.18
N ALA A 207 5.56 -8.61 1.03
CA ALA A 207 5.74 -7.64 2.13
C ALA A 207 7.25 -7.44 2.27
N ASP A 208 7.76 -6.19 2.28
CA ASP A 208 9.23 -6.01 2.38
C ASP A 208 9.62 -4.74 3.13
N LYS A 209 10.87 -4.74 3.61
CA LYS A 209 11.51 -3.52 4.18
C LYS A 209 12.94 -3.43 3.65
N THR A 210 13.26 -2.30 3.03
CA THR A 210 14.55 -2.04 2.36
C THR A 210 15.54 -1.43 3.36
N GLY A 211 16.82 -1.45 3.00
CA GLY A 211 17.79 -0.59 3.70
C GLY A 211 18.95 -0.26 2.81
N ALA A 212 19.59 0.86 3.09
CA ALA A 212 20.81 1.31 2.39
C ALA A 212 21.74 1.90 3.46
N ALA A 213 23.02 1.62 3.38
CA ALA A 213 23.95 2.22 4.34
C ALA A 213 25.33 2.33 3.69
N SER A 214 26.32 2.67 4.50
CA SER A 214 27.74 2.83 4.06
C SER A 214 28.38 1.48 3.62
N TYR A 215 29.50 1.55 2.93
CA TYR A 215 30.14 0.39 2.25
C TYR A 215 29.12 -0.22 1.28
N GLY A 216 28.35 0.65 0.61
CA GLY A 216 27.40 0.27 -0.46
C GLY A 216 26.46 -0.81 0.05
N THR A 217 26.07 -0.74 1.32
CA THR A 217 25.20 -1.78 1.93
C THR A 217 23.80 -1.58 1.34
N ARG A 218 23.20 -2.66 0.81
CA ARG A 218 21.89 -2.59 0.12
C ARG A 218 21.11 -3.86 0.42
N ASN A 219 20.04 -3.71 1.21
CA ASN A 219 19.37 -4.83 1.89
C ASN A 219 17.87 -4.84 1.58
N ASP A 220 17.31 -6.06 1.50
CA ASP A 220 15.84 -6.21 1.48
C ASP A 220 15.46 -7.47 2.26
N ILE A 221 14.52 -7.34 3.20
CA ILE A 221 13.86 -8.50 3.88
C ILE A 221 12.38 -8.53 3.48
N ALA A 222 11.89 -9.74 3.18
CA ALA A 222 10.55 -9.95 2.58
C ALA A 222 9.87 -11.25 3.03
N ILE A 223 8.54 -11.20 3.03
CA ILE A 223 7.64 -12.38 2.98
C ILE A 223 6.99 -12.37 1.60
N ILE A 224 7.07 -13.49 0.90
CA ILE A 224 6.52 -13.63 -0.48
C ILE A 224 5.46 -14.72 -0.40
N TRP A 225 4.23 -14.40 -0.83
CA TRP A 225 3.10 -15.34 -0.92
C TRP A 225 2.92 -15.79 -2.36
N PRO A 226 3.14 -17.08 -2.68
CA PRO A 226 2.68 -17.60 -3.95
C PRO A 226 1.15 -17.71 -3.87
N PRO A 227 0.36 -17.63 -5.18
CA PRO A 227 -1.07 -17.45 -5.32
C PRO A 227 -1.75 -18.38 -4.31
N LYS A 228 -1.40 -19.67 -4.41
CA LYS A 228 -1.62 -20.62 -3.29
C LYS A 228 -0.31 -21.36 -2.99
N GLY A 229 -0.17 -21.76 -1.73
CA GLY A 229 1.05 -22.31 -1.13
C GLY A 229 1.35 -21.52 0.13
N ASP A 230 2.27 -21.98 0.97
CA ASP A 230 2.71 -21.21 2.16
C ASP A 230 3.75 -20.18 1.69
N PRO A 231 3.95 -19.08 2.45
CA PRO A 231 4.92 -18.05 2.08
C PRO A 231 6.40 -18.47 2.18
N VAL A 232 7.24 -17.75 1.44
CA VAL A 232 8.72 -17.75 1.59
C VAL A 232 9.10 -16.53 2.46
N VAL A 233 10.00 -16.70 3.43
CA VAL A 233 10.65 -15.54 4.10
C VAL A 233 12.09 -15.44 3.54
N LEU A 234 12.49 -14.25 3.10
CA LEU A 234 13.76 -14.02 2.35
C LEU A 234 14.50 -12.83 2.96
N ALA A 235 15.81 -12.96 3.19
CA ALA A 235 16.71 -11.79 3.35
C ALA A 235 17.73 -11.80 2.21
N VAL A 236 17.83 -10.70 1.50
CA VAL A 236 18.97 -10.44 0.58
C VAL A 236 19.70 -9.24 1.15
N LEU A 237 20.88 -9.48 1.73
CA LEU A 237 21.81 -8.44 2.22
C LEU A 237 22.99 -8.34 1.24
N SER A 238 23.59 -7.16 1.10
CA SER A 238 24.81 -6.98 0.29
C SER A 238 25.66 -5.84 0.86
N SER A 239 26.96 -5.89 0.56
CA SER A 239 27.94 -4.84 0.91
C SER A 239 29.15 -4.87 -0.06
N ARG A 240 29.90 -3.77 -0.12
CA ARG A 240 31.01 -3.57 -1.09
C ARG A 240 32.25 -3.12 -0.30
N ASP A 241 33.42 -3.07 -0.94
CA ASP A 241 34.72 -2.95 -0.24
C ASP A 241 34.93 -1.51 0.24
N LYS A 242 34.47 -0.52 -0.53
CA LYS A 242 34.80 0.90 -0.30
C LYS A 242 33.68 1.60 0.48
N LYS A 243 34.09 2.45 1.41
CA LYS A 243 33.19 3.21 2.31
C LYS A 243 32.12 3.97 1.50
N ASP A 244 32.52 4.63 0.42
CA ASP A 244 31.62 5.53 -0.36
C ASP A 244 31.03 4.78 -1.55
N ALA A 245 31.12 3.45 -1.58
CA ALA A 245 30.70 2.66 -2.76
C ALA A 245 29.21 2.89 -3.03
N LYS A 246 28.82 2.90 -4.31
CA LYS A 246 27.42 2.85 -4.80
C LYS A 246 26.91 1.43 -4.75
N TYR A 247 25.60 1.28 -4.61
CA TYR A 247 24.94 -0.05 -4.76
C TYR A 247 24.15 -0.07 -6.05
N ASP A 248 23.78 -1.28 -6.47
CA ASP A 248 22.88 -1.53 -7.61
C ASP A 248 21.71 -2.41 -7.14
N ASP A 249 20.50 -1.84 -7.16
CA ASP A 249 19.23 -2.55 -6.82
C ASP A 249 19.14 -3.85 -7.61
N LYS A 250 19.68 -3.88 -8.82
CA LYS A 250 19.57 -5.05 -9.73
C LYS A 250 20.25 -6.28 -9.07
N LEU A 251 21.26 -6.08 -8.22
CA LEU A 251 21.89 -7.25 -7.53
C LEU A 251 20.80 -7.99 -6.74
N ILE A 252 19.98 -7.25 -6.01
CA ILE A 252 18.96 -7.80 -5.06
C ILE A 252 17.88 -8.50 -5.87
N ALA A 253 17.43 -7.85 -6.93
CA ALA A 253 16.43 -8.41 -7.87
C ALA A 253 16.92 -9.76 -8.41
N GLU A 254 18.12 -9.80 -8.98
CA GLU A 254 18.70 -11.04 -9.62
C GLU A 254 18.90 -12.14 -8.56
N ALA A 255 19.41 -11.77 -7.38
CA ALA A 255 19.60 -12.70 -6.24
C ALA A 255 18.24 -13.29 -5.92
N THR A 256 17.18 -12.46 -5.93
CA THR A 256 15.80 -12.92 -5.64
C THR A 256 15.37 -13.92 -6.71
N LYS A 257 15.71 -13.71 -7.99
CA LYS A 257 15.32 -14.62 -9.11
C LYS A 257 15.95 -16.00 -8.91
N VAL A 258 17.21 -16.02 -8.43
CA VAL A 258 18.00 -17.26 -8.19
C VAL A 258 17.34 -18.05 -7.07
N VAL A 259 16.93 -17.38 -5.99
CA VAL A 259 16.23 -18.02 -4.84
C VAL A 259 14.95 -18.73 -5.31
N MET A 260 14.09 -18.04 -6.07
CA MET A 260 12.79 -18.60 -6.49
C MET A 260 13.02 -19.80 -7.41
N LYS A 261 14.00 -19.71 -8.30
CA LYS A 261 14.44 -20.82 -9.19
C LYS A 261 14.77 -22.03 -8.31
N ALA A 262 15.56 -21.83 -7.25
CA ALA A 262 16.10 -22.92 -6.41
C ALA A 262 14.97 -23.59 -5.61
N LEU A 263 13.91 -22.84 -5.29
CA LEU A 263 12.79 -23.33 -4.44
C LEU A 263 11.66 -23.96 -5.27
N ASN A 264 11.52 -23.63 -6.57
CA ASN A 264 10.37 -24.09 -7.40
C ASN A 264 10.68 -25.49 -7.96
N ASP B 9 -4.59 24.64 -20.42
CA ASP B 9 -3.69 24.26 -21.55
C ASP B 9 -3.02 22.91 -21.28
N ASP B 10 -2.64 22.65 -20.02
CA ASP B 10 -1.88 21.42 -19.65
C ASP B 10 -2.77 20.17 -19.81
N PHE B 11 -4.08 20.21 -19.52
CA PHE B 11 -4.91 18.98 -19.71
C PHE B 11 -5.06 18.66 -21.21
N ALA B 12 -5.12 19.68 -22.07
CA ALA B 12 -5.18 19.48 -23.54
C ALA B 12 -3.88 18.78 -23.98
N LYS B 13 -2.76 19.29 -23.49
CA LYS B 13 -1.40 18.73 -23.72
C LYS B 13 -1.40 17.22 -23.40
N LEU B 14 -1.98 16.84 -22.26
CA LEU B 14 -1.97 15.40 -21.81
C LEU B 14 -2.82 14.55 -22.74
N GLU B 15 -3.99 15.04 -23.15
CA GLU B 15 -4.85 14.33 -24.13
C GLU B 15 -4.07 14.14 -25.44
N GLU B 16 -3.33 15.18 -25.83
CA GLU B 16 -2.44 15.23 -27.02
C GLU B 16 -1.37 14.14 -26.82
N GLN B 17 -0.65 14.17 -25.69
CA GLN B 17 0.50 13.24 -25.41
C GLN B 17 0.08 11.77 -25.31
N PHE B 18 -1.09 11.49 -24.75
CA PHE B 18 -1.49 10.09 -24.42
C PHE B 18 -2.59 9.58 -25.36
N ASP B 19 -2.94 10.40 -26.36
CA ASP B 19 -4.03 10.12 -27.33
C ASP B 19 -5.24 9.58 -26.57
N ALA B 20 -5.76 10.40 -25.65
CA ALA B 20 -6.81 10.00 -24.69
C ALA B 20 -7.73 11.19 -24.39
N LYS B 21 -8.92 10.89 -23.88
CA LYS B 21 -9.88 11.88 -23.37
C LYS B 21 -9.81 11.84 -21.84
N LEU B 22 -9.60 13.01 -21.24
CA LEU B 22 -9.44 13.25 -19.79
C LEU B 22 -10.75 13.84 -19.25
N GLY B 23 -11.22 13.31 -18.12
CA GLY B 23 -12.30 13.92 -17.31
C GLY B 23 -11.77 14.30 -15.93
N ILE B 24 -11.81 15.58 -15.57
CA ILE B 24 -11.16 16.11 -14.32
C ILE B 24 -12.17 16.94 -13.53
N PHE B 25 -12.27 16.69 -12.24
CA PHE B 25 -12.90 17.63 -11.28
C PHE B 25 -12.15 17.51 -9.96
N ALA B 26 -11.80 18.63 -9.37
CA ALA B 26 -11.13 18.65 -8.04
C ALA B 26 -11.79 19.75 -7.22
N LEU B 27 -12.13 19.45 -5.98
CA LEU B 27 -12.67 20.48 -5.07
C LEU B 27 -11.72 20.57 -3.88
N ASP B 28 -11.20 21.76 -3.61
CA ASP B 28 -10.48 22.04 -2.35
C ASP B 28 -11.53 22.42 -1.30
N THR B 29 -11.80 21.53 -0.36
CA THR B 29 -12.88 21.68 0.66
C THR B 29 -12.52 22.78 1.66
N GLY B 30 -11.27 23.29 1.60
CA GLY B 30 -10.79 24.42 2.41
C GLY B 30 -11.23 25.76 1.84
N THR B 31 -11.21 25.90 0.52
CA THR B 31 -11.39 27.19 -0.21
C THR B 31 -12.64 27.19 -1.10
N ASN B 32 -13.23 26.01 -1.35
CA ASN B 32 -14.26 25.74 -2.40
C ASN B 32 -13.70 26.07 -3.79
N ARG B 33 -12.39 26.24 -3.94
CA ARG B 33 -11.76 26.42 -5.27
C ARG B 33 -11.74 25.07 -6.00
N THR B 34 -11.81 25.15 -7.31
CA THR B 34 -12.28 24.06 -8.20
C THR B 34 -11.30 23.98 -9.36
N VAL B 35 -10.97 22.79 -9.82
CA VAL B 35 -10.21 22.57 -11.08
C VAL B 35 -11.11 21.65 -11.89
N ALA B 36 -11.33 22.00 -13.15
CA ALA B 36 -12.26 21.20 -13.96
C ALA B 36 -11.78 21.14 -15.39
N TYR B 37 -11.95 19.97 -16.01
CA TYR B 37 -11.66 19.74 -17.45
C TYR B 37 -12.60 18.64 -17.91
N ARG B 38 -13.55 18.96 -18.81
CA ARG B 38 -14.64 18.03 -19.20
C ARG B 38 -15.25 17.42 -17.94
N PRO B 39 -15.55 18.23 -16.90
CA PRO B 39 -16.00 17.68 -15.63
C PRO B 39 -17.35 16.97 -15.69
N ASP B 40 -18.16 17.32 -16.69
CA ASP B 40 -19.53 16.78 -16.85
C ASP B 40 -19.59 15.78 -18.02
N GLU B 41 -18.44 15.38 -18.57
CA GLU B 41 -18.39 14.35 -19.61
C GLU B 41 -18.58 12.96 -18.97
N ARG B 42 -19.40 12.12 -19.60
CA ARG B 42 -19.63 10.75 -19.06
C ARG B 42 -18.47 9.82 -19.43
N PHE B 43 -18.11 8.97 -18.47
CA PHE B 43 -17.19 7.82 -18.63
C PHE B 43 -17.76 6.59 -17.93
N ALA B 44 -17.33 5.41 -18.36
CA ALA B 44 -17.58 4.19 -17.58
C ALA B 44 -16.93 4.42 -16.21
N PHE B 45 -17.65 4.26 -15.09
CA PHE B 45 -17.07 4.50 -13.75
C PHE B 45 -16.14 3.34 -13.41
N ALA B 46 -16.35 2.17 -14.01
CA ALA B 46 -15.54 0.96 -13.79
C ALA B 46 -15.50 0.68 -12.27
N SER B 47 -14.36 0.28 -11.72
CA SER B 47 -14.27 -0.16 -10.31
C SER B 47 -14.44 1.02 -9.32
N THR B 48 -14.39 2.28 -9.76
CA THR B 48 -14.58 3.43 -8.84
C THR B 48 -15.94 3.33 -8.11
N ILE B 49 -16.93 2.64 -8.69
CA ILE B 49 -18.31 2.54 -8.10
C ILE B 49 -18.24 1.75 -6.80
N LYS B 50 -17.17 0.97 -6.60
CA LYS B 50 -17.02 0.12 -5.40
C LYS B 50 -16.95 1.02 -4.16
N ALA B 51 -16.35 2.19 -4.27
CA ALA B 51 -16.25 3.15 -3.14
C ALA B 51 -17.65 3.61 -2.72
N LEU B 52 -18.51 3.92 -3.69
CA LEU B 52 -19.87 4.43 -3.43
C LEU B 52 -20.77 3.29 -2.94
N THR B 53 -20.47 2.06 -3.37
CA THR B 53 -21.23 0.84 -3.00
C THR B 53 -20.96 0.56 -1.52
N VAL B 54 -19.71 0.72 -1.07
CA VAL B 54 -19.40 0.58 0.38
C VAL B 54 -20.00 1.75 1.16
N GLY B 55 -20.05 2.97 0.61
CA GLY B 55 -20.80 4.07 1.25
C GLY B 55 -22.21 3.64 1.60
N VAL B 56 -22.89 3.01 0.65
CA VAL B 56 -24.33 2.65 0.80
C VAL B 56 -24.43 1.49 1.79
N LEU B 57 -23.59 0.46 1.65
CA LEU B 57 -23.53 -0.65 2.63
C LEU B 57 -23.45 -0.05 4.04
N LEU B 58 -22.54 0.92 4.25
CA LEU B 58 -22.26 1.46 5.60
C LEU B 58 -23.48 2.23 6.10
N GLN B 59 -24.13 2.91 5.19
CA GLN B 59 -25.34 3.64 5.58
C GLN B 59 -26.35 2.63 6.13
N GLN B 60 -26.47 1.48 5.48
CA GLN B 60 -27.50 0.47 5.76
C GLN B 60 -27.21 -0.49 6.92
N LYS B 61 -25.97 -0.56 7.38
CA LYS B 61 -25.61 -1.56 8.42
C LYS B 61 -24.79 -0.95 9.55
N SER B 62 -25.03 -1.41 10.77
CA SER B 62 -24.14 -1.11 11.91
C SER B 62 -22.76 -1.68 11.58
N ILE B 63 -21.70 -1.14 12.18
CA ILE B 63 -20.34 -1.72 12.10
C ILE B 63 -20.42 -3.19 12.51
N GLU B 64 -21.13 -3.50 13.60
CA GLU B 64 -21.22 -4.88 14.14
C GLU B 64 -21.83 -5.79 13.08
N ASP B 65 -22.83 -5.28 12.32
CA ASP B 65 -23.55 -6.07 11.29
C ASP B 65 -22.65 -6.35 10.08
N LEU B 66 -21.51 -5.70 9.93
CA LEU B 66 -20.55 -6.07 8.87
C LEU B 66 -19.88 -7.42 9.22
N ASN B 67 -20.09 -7.94 10.44
CA ASN B 67 -19.52 -9.25 10.83
C ASN B 67 -20.39 -10.37 10.28
N GLN B 68 -21.57 -10.07 9.68
CA GLN B 68 -22.42 -11.12 9.05
C GLN B 68 -21.54 -11.88 8.05
N ARG B 69 -21.56 -13.20 8.10
CA ARG B 69 -20.75 -14.04 7.18
C ARG B 69 -21.58 -14.31 5.93
N ILE B 70 -20.97 -14.12 4.76
CA ILE B 70 -21.59 -14.39 3.43
C ILE B 70 -20.96 -15.69 2.91
N THR B 71 -21.80 -16.67 2.57
CA THR B 71 -21.42 -17.93 1.90
C THR B 71 -21.62 -17.73 0.39
N TYR B 72 -20.66 -18.17 -0.40
CA TYR B 72 -20.69 -18.01 -1.87
C TYR B 72 -20.01 -19.24 -2.47
N THR B 73 -20.16 -19.41 -3.78
CA THR B 73 -19.65 -20.57 -4.53
C THR B 73 -18.88 -20.07 -5.75
N ARG B 74 -18.26 -20.98 -6.50
CA ARG B 74 -17.53 -20.65 -7.74
C ARG B 74 -18.44 -19.82 -8.66
N ASP B 75 -19.74 -20.11 -8.68
CA ASP B 75 -20.72 -19.36 -9.53
C ASP B 75 -20.66 -17.87 -9.19
N ASP B 76 -20.32 -17.47 -7.95
CA ASP B 76 -20.32 -16.04 -7.55
C ASP B 76 -19.00 -15.39 -7.97
N LEU B 77 -17.97 -16.20 -8.23
CA LEU B 77 -16.66 -15.76 -8.74
C LEU B 77 -16.82 -15.33 -10.20
N VAL B 78 -16.12 -14.28 -10.60
CA VAL B 78 -16.21 -13.72 -11.98
C VAL B 78 -14.78 -13.64 -12.50
N ASN B 79 -14.35 -12.55 -13.15
CA ASN B 79 -13.06 -12.58 -13.90
C ASN B 79 -11.86 -12.23 -13.02
N TYR B 80 -12.03 -11.47 -11.94
CA TYR B 80 -10.88 -11.05 -11.08
C TYR B 80 -11.34 -11.13 -9.63
N ASN B 81 -10.74 -12.05 -8.88
CA ASN B 81 -11.27 -12.55 -7.58
C ASN B 81 -10.13 -12.75 -6.60
N PRO B 82 -9.19 -11.78 -6.47
CA PRO B 82 -7.91 -12.06 -5.80
C PRO B 82 -8.05 -12.55 -4.35
N ILE B 83 -9.06 -12.07 -3.61
CA ILE B 83 -9.23 -12.44 -2.17
C ILE B 83 -10.31 -13.52 -2.08
N THR B 84 -11.40 -13.26 -2.76
CA THR B 84 -12.66 -14.01 -2.76
C THR B 84 -12.36 -15.45 -3.28
N GLU B 85 -11.51 -15.61 -4.29
CA GLU B 85 -11.08 -16.96 -4.80
C GLU B 85 -10.44 -17.79 -3.70
N LYS B 86 -9.87 -17.20 -2.65
CA LYS B 86 -9.19 -17.96 -1.57
C LYS B 86 -10.17 -18.42 -0.47
N HIS B 87 -11.42 -17.97 -0.46
CA HIS B 87 -12.29 -18.21 0.72
C HIS B 87 -13.66 -18.76 0.34
N VAL B 88 -13.78 -19.46 -0.80
CA VAL B 88 -15.05 -20.11 -1.20
C VAL B 88 -15.52 -21.07 -0.09
N ASP B 89 -14.60 -21.73 0.62
CA ASP B 89 -15.00 -22.82 1.55
C ASP B 89 -15.39 -22.22 2.92
N THR B 90 -14.82 -21.09 3.31
CA THR B 90 -15.02 -20.48 4.67
C THR B 90 -16.10 -19.39 4.65
N GLY B 91 -16.42 -18.88 3.47
CA GLY B 91 -17.17 -17.62 3.30
C GLY B 91 -16.34 -16.43 3.73
N MET B 92 -16.88 -15.23 3.60
CA MET B 92 -16.22 -13.99 4.06
C MET B 92 -17.27 -13.09 4.71
N THR B 93 -16.85 -12.27 5.67
CA THR B 93 -17.74 -11.30 6.33
C THR B 93 -17.96 -10.12 5.39
N LEU B 94 -19.02 -9.37 5.61
CA LEU B 94 -19.23 -8.11 4.85
C LEU B 94 -18.01 -7.21 5.04
N LYS B 95 -17.44 -7.15 6.24
CA LYS B 95 -16.24 -6.31 6.51
C LYS B 95 -15.13 -6.74 5.56
N GLU B 96 -14.88 -8.04 5.50
CA GLU B 96 -13.81 -8.66 4.68
C GLU B 96 -14.09 -8.38 3.20
N LEU B 97 -15.35 -8.49 2.79
CA LEU B 97 -15.71 -8.22 1.37
C LEU B 97 -15.44 -6.74 1.01
N ALA B 98 -15.81 -5.82 1.90
CA ALA B 98 -15.59 -4.38 1.69
C ALA B 98 -14.08 -4.10 1.55
N ASP B 99 -13.30 -4.66 2.46
CA ASP B 99 -11.82 -4.65 2.40
C ASP B 99 -11.36 -5.13 1.01
N ALA B 100 -11.80 -6.31 0.58
CA ALA B 100 -11.32 -6.93 -0.67
C ALA B 100 -11.73 -6.04 -1.85
N SER B 101 -12.98 -5.61 -1.88
CA SER B 101 -13.53 -4.75 -2.95
C SER B 101 -12.70 -3.46 -3.05
N LEU B 102 -12.49 -2.77 -1.94
CA LEU B 102 -11.84 -1.43 -1.97
C LEU B 102 -10.32 -1.54 -2.12
N ARG B 103 -9.67 -2.46 -1.41
CA ARG B 103 -8.18 -2.44 -1.31
C ARG B 103 -7.53 -3.27 -2.43
N TYR B 104 -8.25 -4.24 -2.99
CA TYR B 104 -7.72 -5.16 -4.03
C TYR B 104 -8.56 -5.07 -5.32
N SER B 105 -9.71 -4.42 -5.27
CA SER B 105 -10.63 -4.31 -6.43
C SER B 105 -11.10 -5.71 -6.83
N ASP B 106 -11.38 -6.54 -5.83
CA ASP B 106 -11.98 -7.88 -5.99
C ASP B 106 -13.37 -7.70 -6.61
N ASN B 107 -13.58 -8.17 -7.85
CA ASN B 107 -14.85 -7.94 -8.60
C ASN B 107 -15.97 -8.76 -7.98
N ALA B 108 -15.71 -10.00 -7.61
CA ALA B 108 -16.67 -10.88 -6.95
C ALA B 108 -17.10 -10.25 -5.62
N ALA B 109 -16.17 -9.64 -4.88
CA ALA B 109 -16.52 -9.03 -3.58
C ALA B 109 -17.51 -7.88 -3.85
N GLN B 110 -17.29 -7.07 -4.88
CA GLN B 110 -18.26 -6.01 -5.28
C GLN B 110 -19.62 -6.64 -5.59
N ASN B 111 -19.65 -7.72 -6.37
CA ASN B 111 -20.93 -8.39 -6.78
C ASN B 111 -21.70 -8.81 -5.52
N LEU B 112 -21.02 -9.46 -4.58
CA LEU B 112 -21.66 -9.97 -3.31
CA LEU B 112 -21.61 -9.97 -3.32
C LEU B 112 -22.18 -8.79 -2.51
N ILE B 113 -21.45 -7.67 -2.41
CA ILE B 113 -21.93 -6.48 -1.64
C ILE B 113 -23.15 -5.90 -2.36
N LEU B 114 -23.06 -5.70 -3.68
CA LEU B 114 -24.18 -5.20 -4.53
C LEU B 114 -25.44 -6.03 -4.26
N LYS B 115 -25.31 -7.36 -4.28
CA LYS B 115 -26.45 -8.29 -4.00
C LYS B 115 -26.99 -8.00 -2.59
N GLN B 116 -26.10 -7.89 -1.60
CA GLN B 116 -26.46 -7.65 -0.18
C GLN B 116 -27.29 -6.37 -0.02
N ILE B 117 -27.12 -5.35 -0.88
CA ILE B 117 -27.82 -4.04 -0.68
C ILE B 117 -29.01 -3.94 -1.63
N GLY B 118 -29.27 -4.99 -2.41
CA GLY B 118 -30.48 -5.10 -3.26
C GLY B 118 -30.18 -4.92 -4.73
N GLY B 119 -28.91 -4.91 -5.11
CA GLY B 119 -28.51 -4.88 -6.52
C GLY B 119 -28.35 -3.46 -7.07
N PRO B 120 -27.95 -3.33 -8.35
CA PRO B 120 -27.66 -2.03 -8.95
C PRO B 120 -28.83 -1.04 -8.88
N GLU B 121 -30.06 -1.50 -9.16
CA GLU B 121 -31.27 -0.65 -9.08
C GLU B 121 -31.40 -0.10 -7.65
N SER B 122 -31.08 -0.91 -6.64
CA SER B 122 -31.13 -0.47 -5.22
C SER B 122 -29.98 0.53 -4.98
N LEU B 123 -28.82 0.30 -5.58
CA LEU B 123 -27.66 1.24 -5.46
C LEU B 123 -28.05 2.58 -6.08
N LYS B 124 -28.59 2.55 -7.30
CA LYS B 124 -29.05 3.77 -8.00
C LYS B 124 -29.96 4.57 -7.06
N LYS B 125 -30.99 3.92 -6.52
CA LYS B 125 -32.03 4.55 -5.66
C LYS B 125 -31.34 5.27 -4.49
N GLU B 126 -30.39 4.61 -3.81
CA GLU B 126 -29.70 5.21 -2.62
C GLU B 126 -28.77 6.35 -3.06
N LEU B 127 -28.13 6.23 -4.21
CA LEU B 127 -27.30 7.37 -4.72
C LEU B 127 -28.23 8.55 -5.04
N ARG B 128 -29.37 8.29 -5.69
CA ARG B 128 -30.38 9.35 -5.96
C ARG B 128 -30.72 10.03 -4.63
N LYS B 129 -30.93 9.24 -3.59
CA LYS B 129 -31.31 9.79 -2.26
C LYS B 129 -30.21 10.71 -1.73
N ILE B 130 -28.93 10.48 -2.03
CA ILE B 130 -27.85 11.35 -1.46
C ILE B 130 -27.60 12.54 -2.39
N GLY B 131 -28.38 12.69 -3.46
CA GLY B 131 -28.36 13.88 -4.35
C GLY B 131 -27.66 13.64 -5.67
N ASP B 132 -27.20 12.41 -5.93
CA ASP B 132 -26.43 12.07 -7.15
C ASP B 132 -27.44 11.64 -8.23
N GLU B 133 -27.78 12.51 -9.18
CA GLU B 133 -28.75 12.21 -10.27
C GLU B 133 -28.00 11.70 -11.51
N VAL B 134 -26.68 11.55 -11.43
CA VAL B 134 -25.81 11.31 -12.63
C VAL B 134 -25.40 9.83 -12.66
N THR B 135 -24.72 9.37 -11.61
CA THR B 135 -24.18 7.99 -11.57
C THR B 135 -25.32 6.99 -11.87
N ASN B 136 -25.07 6.03 -12.78
CA ASN B 136 -26.09 5.14 -13.40
C ASN B 136 -25.73 3.66 -13.26
N PRO B 137 -25.71 3.08 -12.04
CA PRO B 137 -25.41 1.68 -11.87
C PRO B 137 -26.53 0.80 -12.46
N GLU B 138 -26.16 -0.16 -13.29
CA GLU B 138 -27.14 -0.98 -14.05
C GLU B 138 -26.81 -2.47 -13.93
N ARG B 139 -25.53 -2.82 -13.96
CA ARG B 139 -25.13 -4.23 -14.20
C ARG B 139 -24.10 -4.66 -13.17
N PHE B 140 -23.94 -5.98 -13.06
CA PHE B 140 -22.88 -6.63 -12.25
C PHE B 140 -21.61 -6.75 -13.08
N TYR B 141 -20.47 -7.05 -12.45
CA TYR B 141 -19.29 -7.64 -13.12
C TYR B 141 -19.67 -9.04 -13.60
N PRO B 142 -19.15 -9.49 -14.78
CA PRO B 142 -18.33 -8.64 -15.65
C PRO B 142 -18.99 -7.59 -16.57
N GLU B 143 -20.31 -7.56 -16.72
CA GLU B 143 -20.99 -6.81 -17.83
C GLU B 143 -20.71 -5.30 -17.72
N LEU B 144 -20.72 -4.69 -16.53
CA LEU B 144 -20.62 -3.21 -16.39
C LEU B 144 -19.29 -2.69 -16.97
N ASN B 145 -18.33 -3.56 -17.29
CA ASN B 145 -17.04 -3.17 -17.94
C ASN B 145 -17.28 -2.77 -19.40
N GLU B 146 -18.33 -3.31 -20.03
CA GLU B 146 -18.63 -3.14 -21.47
C GLU B 146 -19.58 -1.95 -21.66
N VAL B 147 -19.00 -0.77 -21.86
CA VAL B 147 -19.73 0.51 -22.15
C VAL B 147 -19.24 1.00 -23.51
N ASN B 148 -20.15 1.16 -24.48
CA ASN B 148 -19.85 1.78 -25.80
C ASN B 148 -20.06 3.28 -25.67
N PRO B 149 -19.23 4.12 -26.34
CA PRO B 149 -19.47 5.57 -26.36
C PRO B 149 -20.92 5.98 -26.74
N GLY B 150 -21.44 7.02 -26.07
CA GLY B 150 -22.86 7.44 -26.18
C GLY B 150 -23.74 6.73 -25.17
N GLU B 151 -23.37 5.53 -24.72
CA GLU B 151 -24.17 4.71 -23.78
C GLU B 151 -24.00 5.30 -22.36
N THR B 152 -25.06 5.28 -21.56
CA THR B 152 -25.07 5.92 -20.21
C THR B 152 -25.07 4.86 -19.10
N GLN B 153 -25.32 3.57 -19.40
CA GLN B 153 -25.41 2.53 -18.34
C GLN B 153 -24.02 2.39 -17.72
N ASP B 154 -23.94 2.44 -16.39
CA ASP B 154 -22.71 2.18 -15.59
C ASP B 154 -21.67 3.27 -15.88
N THR B 155 -22.16 4.48 -16.14
CA THR B 155 -21.34 5.69 -16.35
C THR B 155 -21.62 6.70 -15.24
N SER B 156 -20.66 7.60 -15.02
CA SER B 156 -20.79 8.81 -14.17
C SER B 156 -19.88 9.90 -14.74
N THR B 157 -19.72 11.00 -14.01
CA THR B 157 -18.89 12.16 -14.45
C THR B 157 -17.90 12.43 -13.33
N ALA B 158 -16.79 13.11 -13.64
CA ALA B 158 -15.79 13.51 -12.61
C ALA B 158 -16.52 14.28 -11.51
N ARG B 159 -17.36 15.25 -11.90
CA ARG B 159 -18.08 16.13 -10.93
C ARG B 159 -18.96 15.28 -10.01
N ALA B 160 -19.73 14.35 -10.54
CA ALA B 160 -20.69 13.54 -9.73
C ALA B 160 -19.92 12.59 -8.81
N LEU B 161 -18.88 11.93 -9.31
CA LEU B 161 -18.08 10.98 -8.49
C LEU B 161 -17.43 11.74 -7.32
N VAL B 162 -16.92 12.94 -7.54
CA VAL B 162 -16.32 13.78 -6.46
C VAL B 162 -17.38 14.12 -5.40
N THR B 163 -18.53 14.62 -5.84
CA THR B 163 -19.64 15.11 -4.96
C THR B 163 -20.14 13.95 -4.09
N SER B 164 -20.40 12.80 -4.69
CA SER B 164 -20.85 11.57 -4.00
C SER B 164 -19.74 11.01 -3.08
N LEU B 165 -18.47 11.01 -3.49
CA LEU B 165 -17.39 10.49 -2.63
C LEU B 165 -17.19 11.43 -1.44
N ARG B 166 -17.28 12.73 -1.68
CA ARG B 166 -17.21 13.76 -0.59
C ARG B 166 -18.38 13.54 0.39
N ALA B 167 -19.59 13.33 -0.13
CA ALA B 167 -20.82 13.17 0.68
C ALA B 167 -20.64 12.02 1.69
N PHE B 168 -20.11 10.88 1.23
CA PHE B 168 -19.95 9.65 2.06
C PHE B 168 -18.78 9.80 3.04
N ALA B 169 -17.64 10.30 2.59
CA ALA B 169 -16.36 10.19 3.34
C ALA B 169 -16.16 11.40 4.26
N LEU B 170 -16.79 12.53 3.96
CA LEU B 170 -16.34 13.86 4.49
C LEU B 170 -17.53 14.67 5.03
N GLU B 171 -18.76 14.42 4.55
CA GLU B 171 -19.98 15.18 4.97
C GLU B 171 -20.85 14.28 5.85
N ASP B 172 -22.18 14.27 5.69
CA ASP B 172 -23.12 13.65 6.67
C ASP B 172 -23.95 12.52 6.07
N LYS B 173 -23.49 11.84 5.01
CA LYS B 173 -24.22 10.65 4.51
C LYS B 173 -23.88 9.44 5.39
N LEU B 174 -22.81 9.55 6.18
CA LEU B 174 -22.37 8.51 7.16
C LEU B 174 -22.03 9.17 8.50
N PRO B 175 -22.17 8.44 9.62
CA PRO B 175 -21.61 8.87 10.90
C PRO B 175 -20.07 8.70 10.93
N SER B 176 -19.41 9.42 11.84
CA SER B 176 -17.92 9.51 11.92
C SER B 176 -17.27 8.12 11.98
N GLU B 177 -17.78 7.18 12.78
CA GLU B 177 -17.12 5.84 12.89
C GLU B 177 -17.14 5.14 11.53
N LYS B 178 -18.23 5.32 10.77
CA LYS B 178 -18.39 4.69 9.42
C LYS B 178 -17.54 5.51 8.42
N ARG B 179 -17.46 6.85 8.55
CA ARG B 179 -16.55 7.62 7.66
C ARG B 179 -15.15 7.05 7.89
N GLU B 180 -14.73 6.88 9.15
CA GLU B 180 -13.35 6.43 9.47
C GLU B 180 -13.01 5.07 8.79
N LEU B 181 -13.92 4.07 8.81
CA LEU B 181 -13.72 2.76 8.12
C LEU B 181 -13.47 2.97 6.62
N LEU B 182 -14.32 3.76 5.97
CA LEU B 182 -14.27 3.95 4.49
C LEU B 182 -12.94 4.63 4.12
N ILE B 183 -12.56 5.65 4.89
CA ILE B 183 -11.32 6.44 4.65
C ILE B 183 -10.12 5.49 4.87
N ASP B 184 -10.18 4.65 5.91
CA ASP B 184 -9.05 3.73 6.24
C ASP B 184 -8.88 2.67 5.13
N TRP B 185 -9.94 2.00 4.67
CA TRP B 185 -9.89 1.11 3.49
C TRP B 185 -9.26 1.84 2.29
N MET B 186 -9.78 3.01 1.93
CA MET B 186 -9.30 3.75 0.74
C MET B 186 -7.85 4.21 0.93
N LYS B 187 -7.48 4.67 2.12
CA LYS B 187 -6.07 5.02 2.44
C LYS B 187 -5.15 3.83 2.18
N ARG B 188 -5.59 2.61 2.47
CA ARG B 188 -4.73 1.39 2.42
C ARG B 188 -4.99 0.60 1.13
N ASN B 189 -5.64 1.24 0.16
CA ASN B 189 -5.73 0.69 -1.22
C ASN B 189 -4.36 0.15 -1.69
N THR B 190 -4.34 -1.03 -2.32
CA THR B 190 -3.10 -1.65 -2.85
C THR B 190 -2.90 -1.30 -4.33
N THR B 191 -3.92 -0.79 -5.03
CA THR B 191 -3.97 -0.78 -6.51
C THR B 191 -3.65 0.60 -7.14
N GLY B 192 -3.38 1.63 -6.33
CA GLY B 192 -3.38 3.04 -6.77
C GLY B 192 -2.00 3.69 -6.82
N ASP B 193 -0.92 2.95 -6.60
CA ASP B 193 0.44 3.56 -6.46
C ASP B 193 0.87 4.37 -7.69
N ALA B 194 0.45 3.99 -8.90
CA ALA B 194 0.95 4.61 -10.15
C ALA B 194 0.02 5.73 -10.63
N LEU B 195 -1.07 6.02 -9.92
CA LEU B 195 -2.11 6.97 -10.39
C LEU B 195 -2.12 8.23 -9.52
N ILE B 196 -3.20 8.56 -8.81
CA ILE B 196 -3.25 9.86 -8.10
C ILE B 196 -2.10 9.94 -7.11
N ARG B 197 -1.78 8.84 -6.43
CA ARG B 197 -0.68 8.82 -5.42
C ARG B 197 0.66 9.22 -6.06
N ALA B 198 0.85 8.92 -7.34
CA ALA B 198 2.15 9.22 -8.01
C ALA B 198 2.20 10.68 -8.46
N GLY B 199 1.11 11.45 -8.27
CA GLY B 199 0.98 12.84 -8.75
C GLY B 199 1.03 13.84 -7.62
N VAL B 200 1.21 13.35 -6.39
CA VAL B 200 1.07 14.12 -5.12
C VAL B 200 2.43 13.99 -4.44
N PRO B 201 2.93 15.01 -3.68
CA PRO B 201 4.19 14.85 -2.95
C PRO B 201 4.10 13.86 -1.76
N ASP B 202 5.16 13.09 -1.50
CA ASP B 202 5.30 12.24 -0.28
C ASP B 202 4.89 13.12 0.92
N GLY B 203 4.19 12.55 1.90
CA GLY B 203 3.70 13.30 3.06
C GLY B 203 2.28 13.79 2.89
N TRP B 204 1.79 13.86 1.65
CA TRP B 204 0.36 14.11 1.35
C TRP B 204 -0.38 12.77 1.38
N GLU B 205 -1.30 12.60 2.32
CA GLU B 205 -2.05 11.33 2.50
C GLU B 205 -3.06 11.18 1.36
N VAL B 206 -3.21 9.97 0.83
CA VAL B 206 -4.18 9.70 -0.25
C VAL B 206 -5.06 8.52 0.15
N ALA B 207 -6.37 8.71 0.03
CA ALA B 207 -7.38 7.65 0.05
C ALA B 207 -7.97 7.50 -1.36
N ASP B 208 -7.77 6.40 -2.07
CA ASP B 208 -8.27 6.37 -3.47
C ASP B 208 -8.95 5.06 -3.79
N LYS B 209 -9.70 5.08 -4.90
CA LYS B 209 -10.20 3.84 -5.53
C LYS B 209 -10.00 3.96 -7.03
N THR B 210 -9.37 2.93 -7.60
CA THR B 210 -9.03 2.86 -9.04
C THR B 210 -10.16 2.23 -9.86
N GLY B 211 -10.07 2.39 -11.17
CA GLY B 211 -10.89 1.61 -12.11
C GLY B 211 -10.18 1.41 -13.43
N ALA B 212 -10.50 0.30 -14.08
CA ALA B 212 -10.07 -0.02 -15.46
C ALA B 212 -11.25 -0.71 -16.15
N ALA B 213 -11.58 -0.28 -17.36
CA ALA B 213 -12.68 -0.86 -18.15
C ALA B 213 -12.26 -0.84 -19.62
N SER B 214 -13.40 -1.10 -20.62
CA SER B 214 -13.04 -1.12 -22.06
C SER B 214 -12.93 0.30 -22.61
N TYR B 215 -12.54 0.44 -23.88
CA TYR B 215 -12.15 1.73 -24.51
C TYR B 215 -11.04 2.38 -23.68
N GLY B 216 -10.17 1.53 -23.11
CA GLY B 216 -8.93 1.95 -22.42
C GLY B 216 -9.25 2.87 -21.26
N THR B 217 -10.37 2.59 -20.60
CA THR B 217 -10.90 3.46 -19.53
C THR B 217 -10.01 3.25 -18.31
N ARG B 218 -9.49 4.34 -17.76
CA ARG B 218 -8.55 4.27 -16.62
C ARG B 218 -8.89 5.42 -15.68
N ASN B 219 -9.36 5.08 -14.48
CA ASN B 219 -9.96 6.06 -13.54
C ASN B 219 -9.31 5.94 -12.17
N ASP B 220 -9.24 7.07 -11.46
CA ASP B 220 -8.89 7.12 -10.04
C ASP B 220 -9.72 8.21 -9.35
N ILE B 221 -10.41 7.87 -8.27
CA ILE B 221 -11.07 8.90 -7.43
C ILE B 221 -10.40 8.86 -6.06
N ALA B 222 -10.28 10.02 -5.41
CA ALA B 222 -9.40 10.12 -4.24
C ALA B 222 -9.77 11.30 -3.36
N ILE B 223 -9.41 11.17 -2.09
CA ILE B 223 -9.32 12.29 -1.14
C ILE B 223 -7.83 12.49 -0.81
N ILE B 224 -7.37 13.74 -0.89
CA ILE B 224 -5.95 14.08 -0.70
C ILE B 224 -5.90 15.06 0.46
N TRP B 225 -5.11 14.74 1.48
CA TRP B 225 -4.90 15.58 2.69
C TRP B 225 -3.54 16.26 2.58
N PRO B 226 -3.48 17.60 2.48
CA PRO B 226 -2.20 18.28 2.48
C PRO B 226 -1.70 18.30 3.93
N PRO B 227 -0.25 18.34 4.39
CA PRO B 227 0.34 18.20 5.70
C PRO B 227 -0.64 18.78 6.73
N LYS B 228 -0.98 20.01 6.48
CA LYS B 228 -2.13 20.61 7.19
C LYS B 228 -3.01 21.36 6.19
N GLY B 229 -4.29 21.47 6.56
CA GLY B 229 -5.35 22.08 5.74
C GLY B 229 -6.40 21.05 5.40
N ASP B 230 -7.56 21.51 4.93
CA ASP B 230 -8.71 20.64 4.59
C ASP B 230 -8.37 19.84 3.33
N PRO B 231 -9.02 18.67 3.15
CA PRO B 231 -8.68 17.83 2.01
C PRO B 231 -9.20 18.31 0.64
N VAL B 232 -8.54 17.82 -0.40
CA VAL B 232 -8.96 17.97 -1.82
C VAL B 232 -9.67 16.66 -2.20
N VAL B 233 -10.83 16.74 -2.85
CA VAL B 233 -11.52 15.56 -3.44
C VAL B 233 -11.32 15.66 -4.96
N LEU B 234 -10.75 14.62 -5.56
CA LEU B 234 -10.35 14.58 -6.99
C LEU B 234 -10.88 13.32 -7.69
N ALA B 235 -11.43 13.49 -8.88
CA ALA B 235 -11.69 12.41 -9.86
C ALA B 235 -10.87 12.69 -11.11
N VAL B 236 -10.03 11.74 -11.51
CA VAL B 236 -9.33 11.75 -12.82
C VAL B 236 -9.88 10.55 -13.58
N LEU B 237 -10.72 10.80 -14.58
CA LEU B 237 -11.27 9.75 -15.48
C LEU B 237 -10.60 9.86 -16.84
N SER B 238 -10.46 8.74 -17.56
CA SER B 238 -9.96 8.75 -18.96
C SER B 238 -10.57 7.62 -19.77
N SER B 239 -10.58 7.78 -21.09
CA SER B 239 -10.97 6.74 -22.07
C SER B 239 -10.32 7.06 -23.41
N ARG B 240 -10.34 6.10 -24.33
CA ARG B 240 -9.66 6.22 -25.63
C ARG B 240 -10.63 5.77 -26.72
N ASP B 241 -10.27 5.95 -27.99
CA ASP B 241 -11.25 5.84 -29.09
C ASP B 241 -11.59 4.38 -29.36
N LYS B 242 -10.61 3.48 -29.22
CA LYS B 242 -10.75 2.06 -29.64
C LYS B 242 -11.13 1.19 -28.44
N LYS B 243 -12.03 0.24 -28.68
CA LYS B 243 -12.61 -0.70 -27.68
C LYS B 243 -11.50 -1.46 -26.93
N ASP B 244 -10.46 -1.91 -27.64
CA ASP B 244 -9.41 -2.81 -27.10
C ASP B 244 -8.19 -1.98 -26.63
N ALA B 245 -8.32 -0.65 -26.58
CA ALA B 245 -7.19 0.27 -26.32
C ALA B 245 -6.53 -0.07 -24.99
N LYS B 246 -5.23 0.13 -24.93
CA LYS B 246 -4.45 0.04 -23.67
C LYS B 246 -4.45 1.41 -23.00
N TYR B 247 -4.22 1.42 -21.69
CA TYR B 247 -4.14 2.66 -20.91
C TYR B 247 -2.73 2.77 -20.38
N ASP B 248 -2.45 3.97 -19.89
CA ASP B 248 -1.14 4.31 -19.29
C ASP B 248 -1.44 5.11 -18.01
N ASP B 249 -1.13 4.54 -16.85
CA ASP B 249 -1.41 5.13 -15.53
C ASP B 249 -0.73 6.49 -15.45
N LYS B 250 0.28 6.66 -16.29
CA LYS B 250 1.08 7.89 -16.21
C LYS B 250 0.21 9.10 -16.55
N LEU B 251 -0.74 8.93 -17.47
CA LEU B 251 -1.71 10.01 -17.78
C LEU B 251 -2.34 10.53 -16.48
N ILE B 252 -2.77 9.63 -15.58
CA ILE B 252 -3.50 9.97 -14.33
C ILE B 252 -2.55 10.70 -13.39
N ALA B 253 -1.36 10.15 -13.20
CA ALA B 253 -0.31 10.79 -12.39
C ALA B 253 -0.06 12.22 -12.87
N GLU B 254 0.26 12.40 -14.15
CA GLU B 254 0.57 13.73 -14.73
C GLU B 254 -0.66 14.61 -14.57
N ALA B 255 -1.88 14.10 -14.79
CA ALA B 255 -3.11 14.92 -14.68
C ALA B 255 -3.24 15.38 -13.23
N THR B 256 -2.90 14.51 -12.27
CA THR B 256 -2.94 14.85 -10.85
C THR B 256 -1.96 16.02 -10.57
N LYS B 257 -0.76 16.01 -11.13
CA LYS B 257 0.26 17.07 -10.90
C LYS B 257 -0.28 18.42 -11.42
N VAL B 258 -1.04 18.40 -12.50
CA VAL B 258 -1.60 19.64 -13.11
C VAL B 258 -2.64 20.21 -12.13
N VAL B 259 -3.49 19.38 -11.55
CA VAL B 259 -4.57 19.78 -10.60
C VAL B 259 -3.92 20.44 -9.38
N MET B 260 -2.94 19.74 -8.78
CA MET B 260 -2.29 20.19 -7.52
C MET B 260 -1.57 21.52 -7.78
N LYS B 261 -0.98 21.72 -8.97
CA LYS B 261 -0.38 23.03 -9.37
C LYS B 261 -1.47 24.10 -9.46
N ALA B 262 -2.56 23.83 -10.17
CA ALA B 262 -3.64 24.83 -10.36
C ALA B 262 -4.25 25.22 -9.00
N LEU B 263 -4.28 24.30 -8.03
CA LEU B 263 -4.91 24.53 -6.70
C LEU B 263 -3.95 25.14 -5.69
N ASN B 264 -2.62 25.06 -5.87
CA ASN B 264 -1.64 25.35 -4.78
C ASN B 264 -1.07 26.76 -4.97
S1 CED C . 17.06 6.49 3.96
C2 CED C . 17.96 5.85 2.53
C3 CED C . 17.20 4.74 1.86
C3' CED C . 17.23 4.83 0.35
C4 CED C . 16.55 3.79 2.57
C4' CED C . 15.96 2.50 2.02
O4A CED C . 15.48 1.72 2.82
O4B CED C . 16.02 2.35 0.83
N5 CED C . 16.33 3.90 3.92
C6 CED C . 16.75 4.95 4.84
C7 CED C . 17.95 4.44 5.68
C8 CED C . 17.95 2.93 5.95
O9 CED C . 18.40 2.14 5.22
N10 CED C . 19.24 4.80 5.12
C11 CED C . 19.89 5.89 5.53
O12 CED C . 19.37 6.75 6.24
C13 CED C . 21.31 6.03 5.00
C14 CED C . 21.40 6.80 3.72
C15 CED C . 20.94 8.09 3.48
C16 CED C . 21.09 8.44 2.11
C17 CED C . 21.70 7.48 1.39
S19 CED C . 22.12 6.12 2.32
S1 CED D . -10.01 -5.59 -12.07
C2 CED D . -8.84 -4.68 -13.10
C3 CED D . -8.19 -3.51 -12.42
C3' CED D . -6.76 -3.31 -12.87
C4 CED D . -8.85 -2.74 -11.52
C4' CED D . -8.29 -1.45 -10.93
O4A CED D . -7.28 -1.05 -11.38
O4B CED D . -8.93 -0.93 -10.05
N5 CED D . -10.14 -3.04 -11.07
C6 CED D . -10.99 -4.20 -11.39
C7 CED D . -12.14 -3.73 -12.33
C8 CED D . -12.59 -2.28 -12.13
O9 CED D . -12.00 -1.36 -12.61
N10 CED D . -11.81 -3.86 -13.74
C11 CED D . -12.21 -4.89 -14.47
O12 CED D . -12.74 -5.89 -13.99
C13 CED D . -11.92 -4.77 -15.95
C14 CED D . -10.53 -5.23 -16.25
C15 CED D . -9.52 -4.55 -16.96
C16 CED D . -8.32 -5.34 -16.99
C17 CED D . -8.43 -6.50 -16.28
S19 CED D . -10.01 -6.76 -15.68
#